data_8AU6
#
_entry.id   8AU6
#
_cell.length_a   66.780
_cell.length_b   105.500
_cell.length_c   70.450
_cell.angle_alpha   90.000
_cell.angle_beta   90.000
_cell.angle_gamma   90.000
#
_symmetry.space_group_name_H-M   'C 2 2 21'
#
loop_
_entity.id
_entity.type
_entity.pdbx_description
1 polymer 'Regulatory protein Cg1604'
2 non-polymer 'CALCIUM ION'
3 water water
#
_entity_poly.entity_id   1
_entity_poly.type   'polypeptide(L)'
_entity_poly.pdbx_seq_one_letter_code
;(MSE)AKRRGRGAATFAALGFGAAAGIAFGTYVLAPNLPENIDPNAPTSAELVEAETLAEVNAVQADQADSIIDHIVEDV
VAGTLTDRPVLV(MSE)RTADAEESDVADVSWLLQQAGAINAGSITLEENFFSQDGADQLKSIVANTLPAGAQLSETQLD
PGTHAGEALGAALLLNPETGEPLASTAERGLLLNVLRDNGYISYEDGTILPGQVIV(MSE)ITGDSDGSGDGAFAAETQS
LFARALDAQGSGVVVAGRIHTAADTGVIGRLRANPDAAENVSTIDSVNRTWGK(MSE)ATVLSVREELAGRSGAFGSAAS
ADAASPSLDGTAAAPAQ
;
_entity_poly.pdbx_strand_id   A
#
# COMPACT_ATOMS: atom_id res chain seq x y z
N ALA A 46 -49.87 -8.62 4.83
CA ALA A 46 -49.79 -7.70 3.71
C ALA A 46 -48.39 -7.11 3.57
N GLU A 47 -47.57 -7.31 4.61
CA GLU A 47 -46.21 -6.78 4.60
C GLU A 47 -45.26 -7.59 3.73
N LEU A 48 -45.66 -8.79 3.31
CA LEU A 48 -44.85 -9.54 2.35
C LEU A 48 -44.99 -8.98 0.93
N VAL A 49 -46.01 -8.16 0.69
CA VAL A 49 -46.17 -7.53 -0.62
C VAL A 49 -45.17 -6.39 -0.78
N GLU A 50 -45.07 -5.52 0.23
CA GLU A 50 -44.17 -4.37 0.14
C GLU A 50 -42.71 -4.80 0.13
N ALA A 51 -42.37 -5.89 0.84
CA ALA A 51 -41.00 -6.41 0.75
C ALA A 51 -40.72 -6.94 -0.64
N GLU A 52 -41.75 -7.40 -1.36
CA GLU A 52 -41.55 -7.93 -2.70
C GLU A 52 -41.32 -6.79 -3.69
N THR A 53 -42.07 -5.70 -3.55
CA THR A 53 -41.86 -4.54 -4.43
C THR A 53 -40.52 -3.88 -4.17
N LEU A 54 -40.10 -3.83 -2.90
CA LEU A 54 -38.79 -3.28 -2.57
C LEU A 54 -37.67 -4.08 -3.23
N ALA A 55 -37.79 -5.40 -3.22
CA ALA A 55 -36.78 -6.24 -3.87
C ALA A 55 -36.82 -6.06 -5.38
N GLU A 56 -38.02 -5.92 -5.96
CA GLU A 56 -38.11 -5.75 -7.41
C GLU A 56 -37.52 -4.43 -7.84
N VAL A 57 -37.79 -3.35 -7.10
CA VAL A 57 -37.29 -2.03 -7.48
C VAL A 57 -35.76 -1.98 -7.38
N ASN A 58 -35.20 -2.52 -6.29
CA ASN A 58 -33.78 -2.37 -6.04
C ASN A 58 -32.92 -3.40 -6.76
N ALA A 59 -33.48 -4.56 -7.12
CA ALA A 59 -32.71 -5.50 -7.93
C ALA A 59 -32.41 -4.92 -9.31
N VAL A 60 -33.33 -4.13 -9.85
CA VAL A 60 -33.05 -3.43 -11.12
C VAL A 60 -31.92 -2.42 -10.93
N GLN A 61 -31.95 -1.66 -9.84
CA GLN A 61 -30.91 -0.67 -9.59
C GLN A 61 -29.55 -1.34 -9.38
N ALA A 62 -29.54 -2.45 -8.64
CA ALA A 62 -28.28 -3.15 -8.37
C ALA A 62 -27.66 -3.70 -9.65
N ASP A 63 -28.48 -4.29 -10.52
CA ASP A 63 -27.96 -4.81 -11.77
C ASP A 63 -27.43 -3.67 -12.66
N GLN A 64 -28.08 -2.52 -12.61
CA GLN A 64 -27.59 -1.37 -13.37
C GLN A 64 -26.22 -0.92 -12.86
N ALA A 65 -26.06 -0.88 -11.54
CA ALA A 65 -24.78 -0.45 -10.97
C ALA A 65 -23.65 -1.41 -11.30
N ASP A 66 -23.93 -2.72 -11.25
CA ASP A 66 -22.90 -3.70 -11.60
C ASP A 66 -22.49 -3.59 -13.06
N SER A 67 -23.48 -3.34 -13.94
CA SER A 67 -23.16 -3.19 -15.36
C SER A 67 -22.26 -1.98 -15.59
N ILE A 68 -22.56 -0.86 -14.93
CA ILE A 68 -21.70 0.32 -15.03
C ILE A 68 -20.28 -0.01 -14.60
N ILE A 69 -20.15 -0.70 -13.46
CA ILE A 69 -18.83 -0.97 -12.90
C ILE A 69 -18.07 -1.96 -13.78
N ASP A 70 -18.75 -2.99 -14.30
CA ASP A 70 -18.11 -3.90 -15.23
C ASP A 70 -17.54 -3.16 -16.43
N HIS A 71 -18.31 -2.23 -16.98
CA HIS A 71 -17.86 -1.45 -18.13
C HIS A 71 -16.64 -0.61 -17.78
N ILE A 72 -16.59 -0.05 -16.57
CA ILE A 72 -15.46 0.78 -16.17
C ILE A 72 -14.20 -0.06 -16.05
N VAL A 73 -14.31 -1.25 -15.46
CA VAL A 73 -13.15 -2.13 -15.32
C VAL A 73 -12.54 -2.45 -16.68
N GLU A 74 -13.39 -2.80 -17.65
CA GLU A 74 -12.90 -3.17 -18.97
C GLU A 74 -12.23 -1.99 -19.68
N ASP A 75 -12.81 -0.81 -19.55
CA ASP A 75 -12.31 0.35 -20.29
C ASP A 75 -11.13 1.03 -19.62
N VAL A 76 -10.96 0.88 -18.31
CA VAL A 76 -9.99 1.65 -17.56
C VAL A 76 -8.85 0.77 -17.02
N VAL A 77 -9.17 -0.41 -16.51
CA VAL A 77 -8.23 -1.19 -15.72
C VAL A 77 -7.69 -2.40 -16.47
N ALA A 78 -8.55 -3.08 -17.24
CA ALA A 78 -8.17 -4.36 -17.83
C ALA A 78 -6.95 -4.21 -18.74
N GLY A 79 -5.96 -5.09 -18.55
CA GLY A 79 -4.83 -5.19 -19.45
C GLY A 79 -3.79 -4.10 -19.33
N THR A 80 -3.91 -3.22 -18.34
CA THR A 80 -3.04 -2.05 -18.23
C THR A 80 -1.73 -2.33 -17.49
N LEU A 81 -1.61 -3.47 -16.82
CA LEU A 81 -0.43 -3.77 -16.02
C LEU A 81 0.08 -5.19 -16.30
N THR A 82 -0.02 -5.61 -17.55
CA THR A 82 0.33 -6.99 -17.91
C THR A 82 1.78 -7.30 -17.53
N ASP A 83 1.95 -8.38 -16.77
CA ASP A 83 3.27 -8.91 -16.39
C ASP A 83 4.08 -7.90 -15.58
N ARG A 84 3.41 -6.99 -14.89
CA ARG A 84 4.10 -6.05 -14.01
C ARG A 84 3.91 -6.49 -12.57
N PRO A 85 4.98 -6.85 -11.85
CA PRO A 85 4.82 -7.28 -10.46
C PRO A 85 4.50 -6.10 -9.56
N VAL A 86 3.38 -6.19 -8.85
CA VAL A 86 2.95 -5.16 -7.91
C VAL A 86 2.77 -5.81 -6.55
N LEU A 87 3.35 -5.21 -5.51
CA LEU A 87 3.21 -5.68 -4.15
C LEU A 87 2.26 -4.79 -3.38
N VAL A 88 1.39 -5.40 -2.59
CA VAL A 88 0.41 -4.70 -1.78
C VAL A 88 0.85 -4.74 -0.32
N ARG A 90 -0.54 -3.37 3.51
CA ARG A 90 -1.74 -2.91 4.19
C ARG A 90 -1.42 -2.64 5.65
N THR A 91 -1.83 -1.47 6.13
CA THR A 91 -1.69 -1.18 7.55
C THR A 91 -2.68 -2.00 8.36
N ALA A 92 -2.48 -2.01 9.68
CA ALA A 92 -3.33 -2.82 10.54
C ALA A 92 -4.78 -2.33 10.53
N ASP A 93 -5.00 -1.03 10.31
CA ASP A 93 -6.34 -0.47 10.36
C ASP A 93 -6.98 -0.37 8.98
N ALA A 94 -6.34 -0.88 7.94
CA ALA A 94 -6.94 -0.86 6.61
C ALA A 94 -8.17 -1.76 6.57
N GLU A 95 -9.20 -1.31 5.86
CA GLU A 95 -10.40 -2.11 5.70
C GLU A 95 -10.13 -3.26 4.72
N GLU A 96 -10.57 -4.46 5.09
CA GLU A 96 -10.29 -5.62 4.24
C GLU A 96 -11.00 -5.50 2.90
N SER A 97 -12.17 -4.87 2.85
CA SER A 97 -12.85 -4.69 1.57
C SER A 97 -12.03 -3.82 0.63
N ASP A 98 -11.41 -2.76 1.17
CA ASP A 98 -10.56 -1.92 0.34
C ASP A 98 -9.37 -2.71 -0.20
N VAL A 99 -8.74 -3.51 0.65
CA VAL A 99 -7.57 -4.28 0.22
C VAL A 99 -7.98 -5.34 -0.80
N ALA A 100 -9.08 -6.04 -0.54
CA ALA A 100 -9.53 -7.08 -1.47
C ALA A 100 -9.95 -6.48 -2.81
N ASP A 101 -10.60 -5.31 -2.79
CA ASP A 101 -11.06 -4.69 -4.04
C ASP A 101 -9.88 -4.23 -4.88
N VAL A 102 -8.92 -3.55 -4.27
CA VAL A 102 -7.75 -3.09 -5.01
C VAL A 102 -6.95 -4.28 -5.52
N SER A 103 -6.79 -5.32 -4.69
CA SER A 103 -6.05 -6.50 -5.13
C SER A 103 -6.74 -7.18 -6.30
N TRP A 104 -8.07 -7.24 -6.29
CA TRP A 104 -8.80 -7.82 -7.41
C TRP A 104 -8.58 -7.01 -8.68
N LEU A 105 -8.60 -5.67 -8.57
CA LEU A 105 -8.44 -4.83 -9.75
C LEU A 105 -7.03 -4.92 -10.32
N LEU A 106 -6.02 -5.08 -9.45
CA LEU A 106 -4.66 -5.29 -9.94
C LEU A 106 -4.57 -6.59 -10.75
N GLN A 107 -5.18 -7.66 -10.24
CA GLN A 107 -5.24 -8.91 -11.00
C GLN A 107 -5.96 -8.71 -12.34
N GLN A 108 -7.05 -7.95 -12.33
CA GLN A 108 -7.77 -7.68 -13.58
C GLN A 108 -6.93 -6.87 -14.54
N ALA A 109 -6.03 -6.02 -14.03
CA ALA A 109 -5.15 -5.26 -14.90
C ALA A 109 -4.05 -6.10 -15.51
N GLY A 110 -3.90 -7.37 -15.09
CA GLY A 110 -2.83 -8.20 -15.56
C GLY A 110 -1.56 -8.14 -14.75
N ALA A 111 -1.60 -7.46 -13.60
CA ALA A 111 -0.41 -7.36 -12.76
C ALA A 111 -0.08 -8.71 -12.12
N ILE A 112 1.21 -8.94 -11.90
CA ILE A 112 1.66 -10.11 -11.16
C ILE A 112 1.51 -9.83 -9.67
N ASN A 113 0.85 -10.74 -8.95
CA ASN A 113 0.66 -10.61 -7.51
C ASN A 113 2.00 -10.86 -6.82
N ALA A 114 2.70 -9.79 -6.48
CA ALA A 114 4.01 -9.90 -5.85
C ALA A 114 3.93 -10.14 -4.33
N GLY A 115 2.72 -10.25 -3.78
CA GLY A 115 2.58 -10.52 -2.36
C GLY A 115 1.74 -9.50 -1.63
N SER A 116 1.18 -9.89 -0.49
CA SER A 116 0.40 -9.01 0.37
C SER A 116 1.02 -9.03 1.76
N ILE A 117 1.50 -7.88 2.22
CA ILE A 117 2.20 -7.77 3.49
C ILE A 117 1.40 -6.87 4.41
N THR A 118 1.03 -7.39 5.58
CA THR A 118 0.33 -6.63 6.60
C THR A 118 1.35 -5.98 7.53
N LEU A 119 1.29 -4.67 7.66
CA LEU A 119 2.15 -3.94 8.59
C LEU A 119 1.40 -3.79 9.90
N GLU A 120 1.81 -4.55 10.91
CA GLU A 120 1.07 -4.59 12.16
C GLU A 120 1.21 -3.26 12.91
N GLU A 121 0.50 -3.18 14.03
CA GLU A 121 0.39 -1.90 14.75
C GLU A 121 1.76 -1.43 15.24
N ASN A 122 2.58 -2.35 15.75
CA ASN A 122 3.89 -1.97 16.26
C ASN A 122 4.81 -1.39 15.19
N PHE A 123 4.51 -1.65 13.91
CA PHE A 123 5.35 -1.14 12.83
C PHE A 123 5.38 0.38 12.82
N PHE A 124 4.28 1.04 13.21
CA PHE A 124 4.17 2.49 13.16
C PHE A 124 3.91 3.11 14.52
N SER A 125 4.25 2.43 15.61
CA SER A 125 3.99 2.94 16.95
C SER A 125 5.29 3.42 17.59
N GLN A 126 5.16 4.39 18.51
CA GLN A 126 6.33 4.86 19.25
C GLN A 126 6.97 3.73 20.05
N ASP A 127 6.14 2.85 20.62
CA ASP A 127 6.67 1.75 21.43
C ASP A 127 7.59 0.85 20.61
N GLY A 128 7.26 0.61 19.35
CA GLY A 128 8.02 -0.29 18.51
C GLY A 128 9.10 0.33 17.67
N ALA A 129 9.30 1.65 17.76
CA ALA A 129 10.25 2.32 16.89
C ALA A 129 11.68 1.84 17.14
N ASP A 130 12.07 1.70 18.42
CA ASP A 130 13.46 1.36 18.73
C ASP A 130 13.81 -0.05 18.26
N GLN A 131 12.93 -1.02 18.49
CA GLN A 131 13.25 -2.38 18.05
C GLN A 131 13.19 -2.50 16.55
N LEU A 132 12.28 -1.77 15.90
CA LEU A 132 12.20 -1.81 14.43
C LEU A 132 13.48 -1.28 13.81
N LYS A 133 13.99 -0.15 14.31
CA LYS A 133 15.24 0.38 13.80
C LYS A 133 16.38 -0.60 13.99
N SER A 134 16.38 -1.33 15.11
CA SER A 134 17.43 -2.30 15.38
C SER A 134 17.36 -3.49 14.44
N ILE A 135 16.15 -3.97 14.15
CA ILE A 135 15.98 -5.13 13.27
C ILE A 135 16.45 -4.80 11.85
N VAL A 136 16.02 -3.65 11.33
CA VAL A 136 16.41 -3.29 9.97
C VAL A 136 17.91 -3.01 9.88
N ALA A 137 18.50 -2.51 10.97
CA ALA A 137 19.94 -2.28 10.96
C ALA A 137 20.71 -3.59 10.95
N ASN A 138 20.27 -4.57 11.75
CA ASN A 138 21.01 -5.83 11.89
C ASN A 138 20.80 -6.77 10.71
N THR A 139 19.72 -6.62 9.94
CA THR A 139 19.46 -7.46 8.78
C THR A 139 19.51 -6.66 7.49
N LEU A 140 20.22 -5.54 7.49
CA LEU A 140 20.29 -4.64 6.35
C LEU A 140 20.92 -5.36 5.15
N PRO A 141 20.21 -5.46 4.02
CA PRO A 141 20.80 -6.11 2.85
C PRO A 141 22.01 -5.34 2.34
N ALA A 142 22.94 -6.08 1.75
CA ALA A 142 24.09 -5.45 1.11
C ALA A 142 23.63 -4.57 -0.04
N GLY A 143 24.31 -3.44 -0.21
CA GLY A 143 23.88 -2.47 -1.20
C GLY A 143 22.78 -1.55 -0.73
N ALA A 144 22.41 -1.60 0.55
CA ALA A 144 21.44 -0.69 1.14
C ALA A 144 22.11 0.07 2.28
N GLN A 145 21.82 1.37 2.38
CA GLN A 145 22.41 2.21 3.40
C GLN A 145 21.31 3.01 4.09
N LEU A 146 21.27 2.92 5.42
CA LEU A 146 20.32 3.67 6.21
C LEU A 146 20.73 5.14 6.31
N SER A 147 19.74 6.02 6.35
CA SER A 147 20.00 7.45 6.37
C SER A 147 20.71 7.84 7.65
N GLU A 148 21.71 8.71 7.52
CA GLU A 148 22.45 9.23 8.67
C GLU A 148 21.91 10.57 9.15
N THR A 149 21.02 11.21 8.40
CA THR A 149 20.42 12.47 8.79
C THR A 149 18.97 12.31 9.27
N GLN A 150 18.23 11.36 8.72
CA GLN A 150 16.87 11.06 9.13
C GLN A 150 16.87 9.74 9.88
N LEU A 151 16.71 9.79 11.20
CA LEU A 151 16.83 8.62 12.05
C LEU A 151 15.48 8.10 12.53
N ASP A 152 14.38 8.54 11.93
CA ASP A 152 13.07 8.07 12.34
C ASP A 152 12.86 6.63 11.87
N PRO A 153 11.97 5.87 12.54
CA PRO A 153 11.77 4.47 12.14
C PRO A 153 11.18 4.32 10.76
N GLY A 154 10.36 5.27 10.30
CA GLY A 154 9.77 5.15 8.98
C GLY A 154 10.80 5.21 7.87
N THR A 155 11.72 6.16 7.96
CA THR A 155 12.77 6.29 6.95
C THR A 155 13.63 5.05 6.89
N HIS A 156 14.07 4.55 8.05
CA HIS A 156 14.95 3.39 8.09
C HIS A 156 14.22 2.13 7.61
N ALA A 157 13.00 1.91 8.10
CA ALA A 157 12.24 0.73 7.69
C ALA A 157 11.93 0.79 6.20
N GLY A 158 11.67 1.98 5.66
CA GLY A 158 11.40 2.10 4.24
C GLY A 158 12.63 1.89 3.40
N GLU A 159 13.79 2.37 3.87
CA GLU A 159 15.04 2.14 3.16
C GLU A 159 15.41 0.66 3.16
N ALA A 160 15.17 -0.04 4.27
CA ALA A 160 15.52 -1.45 4.37
C ALA A 160 14.54 -2.33 3.61
N LEU A 161 13.24 -2.13 3.83
CA LEU A 161 12.24 -2.91 3.12
C LEU A 161 12.26 -2.61 1.63
N GLY A 162 12.54 -1.35 1.27
CA GLY A 162 12.62 -1.02 -0.15
C GLY A 162 13.71 -1.81 -0.86
N ALA A 163 14.88 -1.91 -0.25
CA ALA A 163 15.96 -2.69 -0.85
C ALA A 163 15.62 -4.18 -0.90
N ALA A 164 14.83 -4.65 0.06
CA ALA A 164 14.50 -6.08 0.12
C ALA A 164 13.41 -6.49 -0.85
N LEU A 165 12.56 -5.55 -1.30
CA LEU A 165 11.35 -5.90 -2.01
C LEU A 165 11.22 -5.31 -3.40
N LEU A 166 12.18 -4.49 -3.83
CA LEU A 166 12.04 -3.76 -5.08
C LEU A 166 13.09 -4.21 -6.09
N LEU A 167 12.78 -3.94 -7.36
CA LEU A 167 13.70 -4.19 -8.46
C LEU A 167 14.36 -2.89 -8.87
N ASN A 168 15.61 -2.99 -9.32
CA ASN A 168 16.31 -1.84 -9.85
C ASN A 168 15.51 -1.27 -11.03
N PRO A 169 14.97 -0.06 -10.93
CA PRO A 169 14.09 0.44 -11.99
C PRO A 169 14.77 0.66 -13.33
N GLU A 170 16.10 0.57 -13.39
CA GLU A 170 16.83 0.74 -14.65
C GLU A 170 17.40 -0.55 -15.21
N THR A 171 17.64 -1.57 -14.37
CA THR A 171 18.19 -2.83 -14.83
C THR A 171 17.26 -4.02 -14.64
N GLY A 172 16.18 -3.87 -13.87
CA GLY A 172 15.27 -4.96 -13.60
C GLY A 172 15.78 -6.00 -12.61
N GLU A 173 17.06 -5.95 -12.23
CA GLU A 173 17.59 -6.88 -11.25
C GLU A 173 17.00 -6.58 -9.87
N PRO A 174 16.83 -7.61 -9.04
CA PRO A 174 16.41 -7.37 -7.65
C PRO A 174 17.49 -6.62 -6.88
N LEU A 175 17.06 -5.74 -5.98
CA LEU A 175 18.01 -4.99 -5.17
C LEU A 175 18.64 -5.83 -4.08
N ALA A 176 17.99 -6.92 -3.68
CA ALA A 176 18.53 -7.82 -2.66
C ALA A 176 18.36 -9.26 -3.12
N SER A 177 19.19 -10.14 -2.57
CA SER A 177 19.08 -11.56 -2.87
C SER A 177 17.83 -12.13 -2.20
N THR A 178 17.46 -13.34 -2.62
CA THR A 178 16.32 -14.01 -2.02
C THR A 178 16.60 -14.31 -0.55
N ALA A 179 17.85 -14.63 -0.20
CA ALA A 179 18.20 -14.91 1.19
C ALA A 179 18.13 -13.65 2.04
N GLU A 180 18.60 -12.52 1.51
CA GLU A 180 18.51 -11.26 2.25
C GLU A 180 17.06 -10.84 2.47
N ARG A 181 16.22 -11.03 1.46
CA ARG A 181 14.80 -10.71 1.60
C ARG A 181 14.14 -11.60 2.65
N GLY A 182 14.45 -12.90 2.61
CA GLY A 182 13.86 -13.81 3.59
C GLY A 182 14.30 -13.51 5.00
N LEU A 183 15.56 -13.12 5.20
CA LEU A 183 16.04 -12.81 6.53
C LEU A 183 15.29 -11.64 7.14
N LEU A 184 15.23 -10.51 6.41
CA LEU A 184 14.55 -9.34 6.94
C LEU A 184 13.07 -9.62 7.19
N LEU A 185 12.39 -10.25 6.24
CA LEU A 185 10.96 -10.50 6.40
C LEU A 185 10.67 -11.45 7.55
N ASN A 186 11.52 -12.47 7.74
CA ASN A 186 11.26 -13.44 8.80
C ASN A 186 11.59 -12.87 10.18
N VAL A 187 12.63 -12.06 10.28
CA VAL A 187 12.93 -11.44 11.57
C VAL A 187 11.84 -10.43 11.94
N LEU A 188 11.36 -9.67 10.96
CA LEU A 188 10.25 -8.75 11.21
C LEU A 188 8.99 -9.50 11.62
N ARG A 189 8.69 -10.61 10.95
CA ARG A 189 7.49 -11.37 11.28
C ARG A 189 7.62 -12.06 12.62
N ASP A 190 8.79 -12.65 12.91
CA ASP A 190 8.99 -13.32 14.19
C ASP A 190 8.78 -12.37 15.37
N ASN A 191 9.10 -11.10 15.19
CA ASN A 191 8.92 -10.11 16.25
C ASN A 191 7.57 -9.40 16.19
N GLY A 192 6.65 -9.89 15.36
CA GLY A 192 5.30 -9.36 15.35
C GLY A 192 5.11 -8.05 14.62
N TYR A 193 6.07 -7.64 13.78
CA TYR A 193 5.97 -6.37 13.07
C TYR A 193 5.23 -6.49 11.74
N ILE A 194 5.31 -7.63 11.06
CA ILE A 194 4.65 -7.82 9.78
C ILE A 194 4.00 -9.21 9.77
N SER A 195 3.06 -9.38 8.84
CA SER A 195 2.41 -10.67 8.62
C SER A 195 2.27 -10.91 7.12
N TYR A 196 2.56 -12.13 6.70
CA TYR A 196 2.49 -12.52 5.30
C TYR A 196 2.56 -14.04 5.22
N GLU A 197 2.19 -14.57 4.06
CA GLU A 197 2.17 -16.01 3.83
C GLU A 197 3.49 -16.45 3.20
N ASP A 198 4.05 -17.54 3.72
CA ASP A 198 5.37 -17.99 3.29
C ASP A 198 5.37 -18.32 1.80
N GLY A 199 6.43 -17.89 1.11
CA GLY A 199 6.63 -18.24 -0.29
C GLY A 199 5.74 -17.50 -1.27
N THR A 200 5.10 -16.41 -0.84
CA THR A 200 4.21 -15.64 -1.72
C THR A 200 4.77 -14.27 -2.06
N ILE A 201 5.95 -13.93 -1.56
CA ILE A 201 6.52 -12.60 -1.72
C ILE A 201 7.55 -12.63 -2.84
N LEU A 202 7.40 -11.72 -3.80
CA LEU A 202 8.33 -11.57 -4.90
C LEU A 202 8.80 -10.12 -4.98
N PRO A 203 9.99 -9.87 -5.52
CA PRO A 203 10.41 -8.48 -5.75
C PRO A 203 9.50 -7.82 -6.78
N GLY A 204 9.05 -6.60 -6.46
CA GLY A 204 8.09 -5.89 -7.28
C GLY A 204 8.65 -4.58 -7.83
N GLN A 205 7.93 -4.04 -8.81
CA GLN A 205 8.27 -2.75 -9.40
C GLN A 205 7.57 -1.59 -8.70
N VAL A 206 6.39 -1.82 -8.14
CA VAL A 206 5.61 -0.77 -7.47
C VAL A 206 5.00 -1.36 -6.22
N ILE A 207 4.93 -0.55 -5.17
CA ILE A 207 4.27 -0.93 -3.92
C ILE A 207 3.02 -0.07 -3.75
N VAL A 208 1.90 -0.71 -3.47
CA VAL A 208 0.65 -0.04 -3.15
C VAL A 208 0.41 -0.20 -1.66
N ILE A 210 -2.00 0.42 1.32
CA ILE A 210 -3.39 0.72 1.63
C ILE A 210 -3.50 0.98 3.13
N THR A 211 -3.95 2.17 3.49
CA THR A 211 -4.07 2.59 4.88
C THR A 211 -5.54 2.62 5.28
N GLY A 212 -5.79 3.06 6.50
CA GLY A 212 -7.13 3.07 7.07
C GLY A 212 -7.83 4.40 6.92
N ASP A 213 -8.58 4.78 7.95
CA ASP A 213 -9.38 5.99 7.95
C ASP A 213 -9.04 6.86 9.15
N SER A 214 -7.75 6.99 9.44
CA SER A 214 -7.27 7.78 10.58
C SER A 214 -6.87 9.17 10.11
N ASP A 215 -7.30 10.19 10.86
CA ASP A 215 -6.96 11.56 10.54
C ASP A 215 -5.65 12.02 11.18
N GLY A 216 -4.96 11.15 11.90
CA GLY A 216 -3.72 11.53 12.54
C GLY A 216 -3.88 12.38 13.79
N SER A 217 -5.07 12.45 14.35
CA SER A 217 -5.31 13.16 15.59
C SER A 217 -5.15 12.22 16.79
N GLY A 218 -5.15 12.81 17.99
CA GLY A 218 -4.99 12.01 19.18
C GLY A 218 -3.68 11.24 19.15
N ASP A 219 -3.74 9.97 19.57
CA ASP A 219 -2.55 9.13 19.58
C ASP A 219 -2.24 8.51 18.23
N GLY A 220 -3.01 8.84 17.19
CA GLY A 220 -2.68 8.41 15.85
C GLY A 220 -1.68 9.28 15.13
N ALA A 221 -1.17 10.32 15.80
CA ALA A 221 -0.30 11.29 15.15
C ALA A 221 1.03 10.66 14.74
N PHE A 222 1.69 9.95 15.66
CA PHE A 222 3.01 9.40 15.36
C PHE A 222 2.93 8.40 14.21
N ALA A 223 1.92 7.53 14.21
CA ALA A 223 1.77 6.57 13.13
C ALA A 223 1.56 7.26 11.79
N ALA A 224 0.71 8.29 11.77
CA ALA A 224 0.44 9.00 10.51
C ALA A 224 1.72 9.63 9.96
N GLU A 225 2.54 10.23 10.82
CA GLU A 225 3.79 10.84 10.36
C GLU A 225 4.81 9.79 9.95
N THR A 226 4.93 8.71 10.74
CA THR A 226 5.86 7.65 10.39
C THR A 226 5.46 6.99 9.07
N GLN A 227 4.17 6.81 8.84
CA GLN A 227 3.71 6.25 7.57
C GLN A 227 4.12 7.10 6.39
N SER A 228 4.04 8.43 6.54
CA SER A 228 4.43 9.32 5.44
C SER A 228 5.93 9.23 5.18
N LEU A 229 6.74 9.17 6.24
CA LEU A 229 8.19 9.05 6.06
C LEU A 229 8.55 7.67 5.51
N PHE A 230 7.82 6.64 5.94
CA PHE A 230 8.00 5.31 5.39
C PHE A 230 7.72 5.29 3.88
N ALA A 231 6.62 5.94 3.47
CA ALA A 231 6.27 5.97 2.05
C ALA A 231 7.32 6.71 1.23
N ARG A 232 7.81 7.83 1.74
CA ARG A 232 8.84 8.58 1.02
C ARG A 232 10.14 7.78 0.92
N ALA A 233 10.46 6.99 1.94
CA ALA A 233 11.68 6.20 1.91
C ALA A 233 11.59 5.08 0.88
N LEU A 234 10.43 4.41 0.79
CA LEU A 234 10.23 3.41 -0.25
C LEU A 234 10.38 4.02 -1.63
N ASP A 235 9.81 5.20 -1.85
CA ASP A 235 9.92 5.86 -3.14
C ASP A 235 11.35 6.28 -3.45
N ALA A 236 12.12 6.67 -2.42
CA ALA A 236 13.50 7.09 -2.61
C ALA A 236 14.40 5.95 -3.07
N GLN A 237 13.95 4.70 -2.97
CA GLN A 237 14.68 3.56 -3.49
C GLN A 237 14.32 3.25 -4.93
N GLY A 238 13.85 4.24 -5.69
CA GLY A 238 13.43 4.03 -7.05
C GLY A 238 12.04 3.42 -7.11
N SER A 239 11.77 2.77 -8.25
CA SER A 239 10.54 2.01 -8.46
C SER A 239 9.31 2.91 -8.48
N GLY A 240 8.52 2.88 -7.40
CA GLY A 240 7.32 3.69 -7.33
C GLY A 240 6.37 3.30 -6.21
N VAL A 241 5.66 4.26 -5.63
CA VAL A 241 4.80 4.01 -4.47
C VAL A 241 3.46 4.71 -4.68
N VAL A 242 2.39 4.00 -4.36
CA VAL A 242 1.03 4.54 -4.35
C VAL A 242 0.45 4.32 -2.96
N VAL A 243 0.07 5.40 -2.30
CA VAL A 243 -0.53 5.35 -0.97
C VAL A 243 -2.03 5.61 -1.13
N ALA A 244 -2.85 4.67 -0.68
CA ALA A 244 -4.29 4.74 -0.79
C ALA A 244 -4.92 4.61 0.59
N GLY A 245 -5.88 5.49 0.89
CA GLY A 245 -6.56 5.45 2.16
C GLY A 245 -7.96 6.01 2.03
N ARG A 246 -8.67 6.07 3.15
CA ARG A 246 -9.98 6.68 3.21
C ARG A 246 -9.84 8.16 3.57
N ILE A 247 -10.98 8.87 3.54
CA ILE A 247 -10.95 10.33 3.42
C ILE A 247 -10.19 10.98 4.56
N HIS A 248 -10.30 10.43 5.77
CA HIS A 248 -9.68 11.07 6.93
C HIS A 248 -8.16 11.11 6.84
N THR A 249 -7.54 10.26 6.01
CA THR A 249 -6.10 10.36 5.84
C THR A 249 -5.67 11.61 5.10
N ALA A 250 -6.61 12.33 4.48
CA ALA A 250 -6.33 13.59 3.81
C ALA A 250 -6.34 14.78 4.75
N ALA A 251 -6.67 14.58 6.03
CA ALA A 251 -6.54 15.65 7.01
C ALA A 251 -5.09 16.11 7.05
N ASP A 252 -4.90 17.36 7.50
CA ASP A 252 -3.54 17.91 7.54
C ASP A 252 -2.63 17.09 8.43
N THR A 253 -3.19 16.39 9.43
CA THR A 253 -2.43 15.53 10.31
C THR A 253 -2.42 14.07 9.87
N GLY A 254 -3.14 13.73 8.79
CA GLY A 254 -3.16 12.37 8.31
C GLY A 254 -1.98 12.05 7.40
N VAL A 255 -1.82 10.76 7.10
CA VAL A 255 -0.67 10.31 6.32
C VAL A 255 -0.68 10.93 4.94
N ILE A 256 -1.85 10.98 4.29
CA ILE A 256 -1.94 11.53 2.94
C ILE A 256 -1.84 13.05 2.98
N GLY A 257 -2.45 13.67 3.98
CA GLY A 257 -2.30 15.12 4.13
C GLY A 257 -0.86 15.54 4.30
N ARG A 258 -0.10 14.77 5.09
CA ARG A 258 1.33 15.07 5.27
C ARG A 258 2.10 14.88 3.97
N LEU A 259 1.81 13.80 3.23
CA LEU A 259 2.49 13.59 1.96
C LEU A 259 2.20 14.72 0.97
N ARG A 260 0.93 15.13 0.88
CA ARG A 260 0.57 16.17 -0.08
C ARG A 260 1.14 17.52 0.31
N ALA A 261 1.32 17.78 1.62
CA ALA A 261 1.83 19.07 2.06
C ALA A 261 3.31 19.24 1.75
N ASN A 262 4.05 18.15 1.59
CA ASN A 262 5.47 18.23 1.27
C ASN A 262 5.65 18.26 -0.24
N PRO A 263 6.29 19.28 -0.80
CA PRO A 263 6.36 19.37 -2.28
C PRO A 263 7.09 18.22 -2.93
N ASP A 264 8.15 17.71 -2.30
CA ASP A 264 8.89 16.59 -2.89
C ASP A 264 8.06 15.31 -2.87
N ALA A 265 7.35 15.06 -1.78
CA ALA A 265 6.56 13.84 -1.68
C ALA A 265 5.32 13.90 -2.58
N ALA A 266 4.68 15.07 -2.66
CA ALA A 266 3.49 15.20 -3.48
C ALA A 266 3.78 14.94 -4.95
N GLU A 267 4.99 15.25 -5.40
CA GLU A 267 5.38 14.99 -6.78
C GLU A 267 5.79 13.53 -6.99
N ASN A 268 6.34 12.89 -5.96
CA ASN A 268 6.92 11.56 -6.11
C ASN A 268 6.00 10.43 -5.69
N VAL A 269 5.11 10.64 -4.72
CA VAL A 269 4.26 9.57 -4.18
C VAL A 269 2.82 9.88 -4.55
N SER A 270 2.19 8.95 -5.26
CA SER A 270 0.77 9.09 -5.58
C SER A 270 -0.08 8.85 -4.34
N THR A 271 -1.11 9.67 -4.18
CA THR A 271 -2.00 9.58 -3.02
C THR A 271 -3.44 9.50 -3.51
N ILE A 272 -4.18 8.51 -3.00
CA ILE A 272 -5.61 8.35 -3.27
C ILE A 272 -6.33 8.40 -1.93
N ASP A 273 -7.19 9.40 -1.75
CA ASP A 273 -7.81 9.67 -0.47
C ASP A 273 -9.22 9.07 -0.33
N SER A 274 -9.73 8.40 -1.35
CA SER A 274 -11.07 7.84 -1.31
C SER A 274 -11.07 6.42 -1.86
N VAL A 275 -10.20 5.57 -1.30
CA VAL A 275 -10.02 4.22 -1.83
C VAL A 275 -11.26 3.36 -1.64
N ASN A 276 -12.19 3.78 -0.76
CA ASN A 276 -13.43 3.04 -0.61
C ASN A 276 -14.47 3.39 -1.67
N ARG A 277 -14.21 4.38 -2.51
CA ARG A 277 -15.09 4.73 -3.61
C ARG A 277 -14.64 4.03 -4.89
N THR A 278 -15.62 3.77 -5.77
CA THR A 278 -15.33 3.03 -7.00
C THR A 278 -14.22 3.72 -7.81
N TRP A 279 -14.35 5.03 -8.02
CA TRP A 279 -13.31 5.70 -8.80
C TRP A 279 -12.00 5.80 -8.02
N GLY A 280 -12.08 5.82 -6.69
CA GLY A 280 -10.85 5.79 -5.89
C GLY A 280 -10.07 4.50 -6.11
N LYS A 281 -10.77 3.38 -6.23
CA LYS A 281 -10.10 2.12 -6.53
C LYS A 281 -9.48 2.14 -7.92
N ALA A 283 -8.57 4.82 -9.65
CA ALA A 283 -7.47 5.76 -9.63
C ALA A 283 -6.21 5.16 -9.01
N THR A 284 -6.39 4.25 -8.05
CA THR A 284 -5.24 3.57 -7.47
C THR A 284 -4.52 2.71 -8.50
N VAL A 285 -5.28 1.97 -9.31
CA VAL A 285 -4.68 1.13 -10.34
C VAL A 285 -4.05 2.00 -11.42
N LEU A 286 -4.73 3.07 -11.83
CA LEU A 286 -4.14 3.99 -12.79
C LEU A 286 -2.87 4.62 -12.25
N SER A 287 -2.81 4.88 -10.93
CA SER A 287 -1.62 5.49 -10.35
C SER A 287 -0.41 4.55 -10.40
N VAL A 288 -0.65 3.23 -10.33
CA VAL A 288 0.45 2.27 -10.47
C VAL A 288 1.13 2.46 -11.81
N ARG A 289 0.35 2.57 -12.89
CA ARG A 289 0.94 2.78 -14.20
C ARG A 289 1.63 4.14 -14.29
N GLU A 290 1.09 5.15 -13.59
CA GLU A 290 1.77 6.45 -13.56
C GLU A 290 3.12 6.35 -12.87
N GLU A 291 3.19 5.64 -11.73
CA GLU A 291 4.44 5.50 -11.02
C GLU A 291 5.47 4.74 -11.84
N LEU A 292 5.01 3.80 -12.68
CA LEU A 292 5.94 3.06 -13.53
C LEU A 292 6.56 3.95 -14.60
N ALA A 293 5.79 4.89 -15.14
CA ALA A 293 6.28 5.76 -16.20
C ALA A 293 7.29 6.76 -15.68
#